data_8CD8
#
_entry.id   8CD8
#
_cell.length_a   50.130
_cell.length_b   124.660
_cell.length_c   86.900
_cell.angle_alpha   90.000
_cell.angle_beta   90.000
_cell.angle_gamma   90.000
#
_symmetry.space_group_name_H-M   'P 21 21 2'
#
loop_
_entity.id
_entity.type
_entity.pdbx_description
1 polymer Ulilysin
2 polymer GLY-SER-SER
3 non-polymer 'CALCIUM ION'
4 non-polymer 'ZINC ION'
5 non-polymer '4-(2-AMINOETHYL)BENZENESULFONYL FLUORIDE'
6 non-polymer GLYCEROL
7 water water
#
loop_
_entity_poly.entity_id
_entity_poly.type
_entity_poly.pdbx_seq_one_letter_code
_entity_poly.pdbx_strand_id
1 'polypeptide(L)'
;MGSSHHHHHHSSGLVPRGSMAEKFESRGIEEASSEVPTQRRCGAMEVHHRLLRSASYVRERDQIENLALKYKQGFRAISR
MEIVKIPVVVHVVWNEEEENISDAQIQSQIDILNKDFRKLNSDVSQVPSVWSNLIADLGIEFFLATKDPNGNQTTGITRT
QTSVTFFTTSDEVKFASSGGEDAWPADRYLNIWVCHVLKSEIGQDILGYAQFPGGPAETDGVVIVDAAFGTTGTALPPFD
KGRTATHEIGHWLNLYHIWGDELRFEDPCSRSDEVDDTPNQADPNFGAPSYPHVSCSNGPNGDMFMNYMDYVDDKCMVMF
TQGQATRVNACLDGPRSSFLARVEETEKKEAPSKREMPMPR
;
A,C
2 'polypeptide(L)' GSS B,D
#
# COMPACT_ATOMS: atom_id res chain seq x y z
N ARG A 80 10.44 28.27 23.67
CA ARG A 80 10.05 28.85 22.39
C ARG A 80 10.02 27.79 21.30
N MET A 81 8.99 27.85 20.47
CA MET A 81 8.81 26.89 19.40
C MET A 81 9.50 27.39 18.14
N GLU A 82 10.25 26.49 17.50
CA GLU A 82 10.79 26.77 16.17
C GLU A 82 9.72 26.43 15.15
N ILE A 83 9.23 27.44 14.42
CA ILE A 83 8.15 27.23 13.47
C ILE A 83 8.74 26.72 12.16
N VAL A 84 8.39 25.49 11.79
CA VAL A 84 8.85 24.88 10.54
C VAL A 84 7.88 25.27 9.43
N LYS A 85 8.41 25.87 8.37
CA LYS A 85 7.60 26.41 7.28
C LYS A 85 7.82 25.56 6.04
N ILE A 86 6.81 24.78 5.68
CA ILE A 86 6.93 23.73 4.67
C ILE A 86 6.41 24.27 3.34
N PRO A 87 7.26 24.35 2.31
CA PRO A 87 6.75 24.70 0.98
C PRO A 87 5.92 23.55 0.41
N VAL A 88 4.74 23.87 -0.09
CA VAL A 88 3.81 22.89 -0.63
C VAL A 88 3.71 23.11 -2.13
N VAL A 89 3.68 22.03 -2.90
CA VAL A 89 3.22 22.10 -4.29
C VAL A 89 1.98 21.22 -4.41
N VAL A 90 0.90 21.78 -4.94
CA VAL A 90 -0.33 21.05 -5.17
C VAL A 90 -0.39 20.68 -6.64
N HIS A 91 -0.50 19.38 -6.93
CA HIS A 91 -0.64 18.88 -8.30
C HIS A 91 -2.10 18.51 -8.52
N VAL A 92 -2.84 19.40 -9.17
CA VAL A 92 -4.22 19.11 -9.57
C VAL A 92 -4.17 18.28 -10.83
N VAL A 93 -4.75 17.08 -10.78
CA VAL A 93 -4.83 16.17 -11.93
C VAL A 93 -6.30 16.01 -12.27
N TRP A 94 -6.69 16.47 -13.45
CA TRP A 94 -8.09 16.67 -13.78
C TRP A 94 -8.44 16.05 -15.12
N ASN A 95 -9.60 15.38 -15.17
CA ASN A 95 -10.16 14.83 -16.40
C ASN A 95 -11.28 15.71 -16.94
N GLU A 96 -12.36 15.85 -16.19
CA GLU A 96 -13.41 16.82 -16.49
C GLU A 96 -13.06 18.17 -15.88
N GLU A 97 -13.60 19.24 -16.49
CA GLU A 97 -13.21 20.61 -16.15
C GLU A 97 -13.44 20.92 -14.68
N GLU A 98 -14.53 20.41 -14.11
CA GLU A 98 -14.84 20.71 -12.72
C GLU A 98 -13.83 20.11 -11.75
N GLU A 99 -13.03 19.12 -12.20
CA GLU A 99 -11.98 18.56 -11.36
C GLU A 99 -10.76 19.45 -11.30
N ASN A 100 -10.67 20.46 -12.17
CA ASN A 100 -9.58 21.43 -12.20
C ASN A 100 -9.90 22.53 -11.18
N ILE A 101 -9.74 22.17 -9.90
CA ILE A 101 -10.35 22.95 -8.79
C ILE A 101 -9.70 24.33 -8.68
N SER A 102 -10.45 25.27 -8.11
CA SER A 102 -10.08 26.68 -8.15
C SER A 102 -8.87 26.96 -7.25
N ASP A 103 -8.18 28.04 -7.58
CA ASP A 103 -7.15 28.57 -6.68
C ASP A 103 -7.70 28.81 -5.29
N ALA A 104 -8.94 29.30 -5.19
CA ALA A 104 -9.52 29.58 -3.87
C ALA A 104 -9.74 28.30 -3.07
N GLN A 105 -10.17 27.22 -3.74
CA GLN A 105 -10.34 25.96 -3.01
C GLN A 105 -9.01 25.44 -2.50
N ILE A 106 -7.96 25.50 -3.34
CA ILE A 106 -6.62 25.12 -2.92
C ILE A 106 -6.16 25.98 -1.75
N GLN A 107 -6.29 27.30 -1.86
CA GLN A 107 -5.88 28.18 -0.78
C GLN A 107 -6.66 27.90 0.50
N SER A 108 -7.95 27.54 0.36
CA SER A 108 -8.74 27.27 1.56
C SER A 108 -8.17 26.09 2.32
N GLN A 109 -7.59 25.11 1.61
CA GLN A 109 -6.96 24.00 2.31
C GLN A 109 -5.71 24.44 3.04
N ILE A 110 -4.86 25.25 2.41
CA ILE A 110 -3.65 25.72 3.08
C ILE A 110 -4.02 26.48 4.35
N ASP A 111 -5.06 27.32 4.27
CA ASP A 111 -5.53 28.03 5.47
C ASP A 111 -5.86 27.07 6.60
N ILE A 112 -6.54 25.96 6.30
CA ILE A 112 -6.89 25.01 7.36
C ILE A 112 -5.62 24.41 7.95
N LEU A 113 -4.66 24.02 7.10
CA LEU A 113 -3.43 23.43 7.61
C LEU A 113 -2.73 24.38 8.59
N ASN A 114 -2.74 25.67 8.27
CA ASN A 114 -2.07 26.62 9.14
C ASN A 114 -2.83 26.91 10.42
N LYS A 115 -4.08 26.48 10.53
CA LYS A 115 -4.77 26.52 11.82
C LYS A 115 -4.53 25.24 12.61
N ASP A 116 -4.79 24.10 11.96
CA ASP A 116 -4.75 22.81 12.66
C ASP A 116 -3.36 22.52 13.20
N PHE A 117 -2.32 22.84 12.43
CA PHE A 117 -0.96 22.51 12.85
C PHE A 117 -0.36 23.55 13.78
N ARG A 118 -1.12 24.59 14.14
CA ARG A 118 -0.69 25.56 15.14
C ARG A 118 -1.61 25.62 16.34
N LYS A 119 -2.58 24.70 16.44
CA LYS A 119 -3.56 24.73 17.53
C LYS A 119 -4.35 26.04 17.51
N LEU A 120 -4.60 26.58 16.32
CA LEU A 120 -5.35 27.81 16.17
C LEU A 120 -6.75 27.59 15.59
N ASN A 121 -7.16 26.34 15.37
CA ASN A 121 -8.53 26.06 14.97
C ASN A 121 -9.46 26.34 16.14
N SER A 122 -10.48 27.15 15.90
CA SER A 122 -11.37 27.50 17.00
C SER A 122 -12.12 26.27 17.53
N ASP A 123 -12.36 25.25 16.67
CA ASP A 123 -13.12 24.10 17.16
C ASP A 123 -12.30 23.18 18.06
N VAL A 124 -11.06 23.55 18.41
CA VAL A 124 -10.34 22.86 19.46
C VAL A 124 -11.10 22.94 20.78
N SER A 125 -12.02 23.90 20.90
CA SER A 125 -12.87 24.01 22.09
C SER A 125 -13.76 22.79 22.28
N GLN A 126 -13.95 21.97 21.24
CA GLN A 126 -14.75 20.76 21.35
C GLN A 126 -14.02 19.64 22.07
N VAL A 127 -12.70 19.76 22.28
CA VAL A 127 -12.00 18.69 23.00
C VAL A 127 -12.57 18.56 24.40
N PRO A 128 -12.89 17.35 24.87
CA PRO A 128 -13.30 17.16 26.26
C PRO A 128 -12.29 17.77 27.23
N SER A 129 -12.80 18.49 28.23
CA SER A 129 -11.91 19.24 29.11
C SER A 129 -10.88 18.36 29.78
N VAL A 130 -11.22 17.09 30.04
CA VAL A 130 -10.30 16.17 30.68
C VAL A 130 -9.02 16.02 29.87
N TRP A 131 -9.07 16.32 28.58
CA TRP A 131 -7.92 16.19 27.70
C TRP A 131 -7.36 17.53 27.25
N SER A 132 -7.84 18.65 27.81
CA SER A 132 -7.39 19.96 27.34
C SER A 132 -5.89 20.09 27.44
N ASN A 133 -5.29 19.58 28.52
CA ASN A 133 -3.85 19.75 28.70
C ASN A 133 -3.03 18.84 27.79
N LEU A 134 -3.67 18.06 26.92
CA LEU A 134 -2.97 17.22 25.95
C LEU A 134 -2.91 17.83 24.56
N ILE A 135 -3.72 18.85 24.27
CA ILE A 135 -3.80 19.38 22.92
C ILE A 135 -2.47 20.05 22.57
N ALA A 136 -1.90 19.66 21.42
CA ALA A 136 -0.58 20.11 21.01
C ALA A 136 -0.65 21.15 19.90
N ASP A 137 0.30 22.08 19.97
CA ASP A 137 0.66 22.97 18.86
C ASP A 137 1.88 22.35 18.18
N LEU A 138 1.71 21.85 16.95
CA LEU A 138 2.82 21.18 16.30
C LEU A 138 3.89 22.13 15.77
N GLY A 139 3.60 23.43 15.73
CA GLY A 139 4.60 24.39 15.29
C GLY A 139 4.99 24.24 13.84
N ILE A 140 4.05 23.86 12.99
CA ILE A 140 4.31 23.72 11.56
C ILE A 140 3.38 24.66 10.80
N GLU A 141 3.93 25.33 9.79
CA GLU A 141 3.11 26.13 8.90
C GLU A 141 3.44 25.76 7.46
N PHE A 142 2.53 26.09 6.56
CA PHE A 142 2.57 25.65 5.18
C PHE A 142 2.33 26.84 4.27
N PHE A 143 2.97 26.83 3.11
CA PHE A 143 2.72 27.86 2.12
C PHE A 143 2.90 27.25 0.74
N LEU A 144 2.10 27.71 -0.21
CA LEU A 144 2.33 27.33 -1.60
C LEU A 144 3.70 27.83 -2.03
N ALA A 145 4.48 26.94 -2.65
CA ALA A 145 5.84 27.30 -3.04
C ALA A 145 5.83 28.56 -3.91
N THR A 146 6.84 29.40 -3.69
CA THR A 146 7.04 30.56 -4.54
C THR A 146 8.20 30.37 -5.51
N LYS A 147 9.06 29.39 -5.29
CA LYS A 147 10.11 29.04 -6.24
C LYS A 147 9.98 27.58 -6.64
N ASP A 148 10.16 27.31 -7.93
CA ASP A 148 10.05 25.94 -8.41
C ASP A 148 11.38 25.26 -8.10
N PRO A 149 11.52 23.96 -8.38
CA PRO A 149 12.74 23.26 -7.94
C PRO A 149 14.02 23.80 -8.56
N ASN A 150 13.93 24.58 -9.65
CA ASN A 150 15.12 25.16 -10.25
C ASN A 150 15.21 26.66 -9.96
N GLY A 151 14.48 27.13 -8.94
CA GLY A 151 14.63 28.48 -8.47
C GLY A 151 13.80 29.53 -9.18
N ASN A 152 12.84 29.11 -10.00
CA ASN A 152 12.08 30.05 -10.82
C ASN A 152 10.73 30.34 -10.18
N GLN A 153 10.16 31.50 -10.51
CA GLN A 153 8.88 31.88 -9.94
C GLN A 153 7.80 30.84 -10.27
N THR A 154 6.95 30.56 -9.29
CA THR A 154 5.88 29.59 -9.46
C THR A 154 4.68 30.02 -8.63
N THR A 155 3.50 29.51 -9.02
CA THR A 155 2.31 29.57 -8.18
C THR A 155 2.29 28.48 -7.12
N GLY A 156 3.17 27.50 -7.24
CA GLY A 156 3.08 26.35 -6.35
C GLY A 156 1.95 25.40 -6.68
N ILE A 157 1.30 25.57 -7.83
CA ILE A 157 0.21 24.70 -8.26
C ILE A 157 0.53 24.22 -9.67
N THR A 158 0.49 22.91 -9.88
CA THR A 158 0.52 22.37 -11.23
C THR A 158 -0.87 21.87 -11.58
N ARG A 159 -1.22 21.96 -12.87
CA ARG A 159 -2.53 21.56 -13.35
C ARG A 159 -2.33 20.69 -14.58
N THR A 160 -2.67 19.41 -14.48
CA THR A 160 -2.37 18.43 -15.50
C THR A 160 -3.65 17.74 -15.92
N GLN A 161 -3.99 17.84 -17.20
CA GLN A 161 -5.13 17.12 -17.73
C GLN A 161 -4.77 15.66 -17.93
N THR A 162 -5.75 14.78 -17.69
CA THR A 162 -5.53 13.35 -17.81
C THR A 162 -6.74 12.71 -18.45
N SER A 163 -6.52 11.58 -19.12
CA SER A 163 -7.60 10.72 -19.58
C SER A 163 -7.98 9.65 -18.55
N VAL A 164 -7.21 9.54 -17.47
CA VAL A 164 -7.48 8.56 -16.42
C VAL A 164 -8.77 8.93 -15.69
N THR A 165 -9.63 7.94 -15.44
CA THR A 165 -10.87 8.23 -14.72
C THR A 165 -10.77 7.98 -13.22
N PHE A 166 -9.87 7.10 -12.76
CA PHE A 166 -9.66 6.96 -11.34
C PHE A 166 -8.22 6.54 -11.06
N PHE A 167 -7.73 6.91 -9.88
CA PHE A 167 -6.39 6.59 -9.43
C PHE A 167 -6.48 5.69 -8.20
N THR A 168 -5.38 5.00 -7.89
CA THR A 168 -5.40 4.05 -6.77
C THR A 168 -4.18 4.29 -5.88
N THR A 169 -4.11 3.52 -4.80
CA THR A 169 -2.95 3.59 -3.91
C THR A 169 -1.64 3.11 -4.57
N SER A 170 -1.67 2.60 -5.80
CA SER A 170 -0.42 2.17 -6.43
CA SER A 170 -0.45 2.18 -6.49
C SER A 170 0.39 3.33 -7.00
N ASP A 171 -0.06 4.58 -6.81
CA ASP A 171 0.69 5.81 -7.13
C ASP A 171 0.73 6.19 -8.61
N GLU A 172 -0.29 5.80 -9.39
CA GLU A 172 -0.35 6.26 -10.77
C GLU A 172 -0.43 7.78 -10.86
N VAL A 173 -1.04 8.43 -9.87
CA VAL A 173 -1.18 9.89 -9.90
C VAL A 173 0.16 10.60 -9.75
N LYS A 174 1.21 9.89 -9.35
CA LYS A 174 2.47 10.53 -9.01
C LYS A 174 3.49 10.46 -10.14
N PHE A 175 3.11 9.96 -11.30
CA PHE A 175 4.01 9.91 -12.45
C PHE A 175 3.27 10.46 -13.66
N ALA A 176 3.89 11.41 -14.38
CA ALA A 176 3.29 11.88 -15.61
C ALA A 176 3.05 10.74 -16.59
N SER A 177 3.92 9.72 -16.58
CA SER A 177 3.82 8.64 -17.55
C SER A 177 2.63 7.72 -17.29
N SER A 178 2.06 7.71 -16.08
CA SER A 178 0.85 6.95 -15.81
C SER A 178 -0.38 7.86 -15.70
N GLY A 179 -0.33 9.03 -16.35
CA GLY A 179 -1.47 9.91 -16.38
C GLY A 179 -1.59 10.85 -15.21
N GLY A 180 -0.56 10.95 -14.38
CA GLY A 180 -0.59 11.85 -13.24
C GLY A 180 0.42 12.97 -13.43
N GLU A 181 1.19 13.28 -12.39
CA GLU A 181 2.13 14.39 -12.47
C GLU A 181 3.32 14.07 -11.57
N ASP A 182 4.54 14.29 -12.07
CA ASP A 182 5.73 13.93 -11.32
C ASP A 182 5.84 14.73 -10.02
N ALA A 183 6.42 14.09 -9.01
CA ALA A 183 6.72 14.77 -7.76
C ALA A 183 7.84 15.80 -7.93
N TRP A 184 7.73 16.91 -7.19
CA TRP A 184 8.87 17.79 -6.99
C TRP A 184 9.75 17.20 -5.89
N PRO A 185 11.03 17.64 -5.80
CA PRO A 185 11.96 17.02 -4.83
C PRO A 185 11.45 16.99 -3.40
N ALA A 186 11.37 15.76 -2.87
CA ALA A 186 10.66 15.53 -1.62
C ALA A 186 11.41 16.04 -0.41
N ASP A 187 12.69 16.34 -0.55
CA ASP A 187 13.45 16.92 0.55
C ASP A 187 13.20 18.40 0.71
N ARG A 188 12.56 19.04 -0.28
CA ARG A 188 12.34 20.48 -0.27
C ARG A 188 10.87 20.88 -0.33
N TYR A 189 9.98 19.97 -0.73
CA TYR A 189 8.57 20.30 -0.92
C TYR A 189 7.71 19.18 -0.37
N LEU A 190 6.58 19.56 0.22
CA LEU A 190 5.50 18.61 0.45
C LEU A 190 4.66 18.54 -0.83
N ASN A 191 4.67 17.39 -1.50
CA ASN A 191 3.81 17.16 -2.66
C ASN A 191 2.41 16.78 -2.23
N ILE A 192 1.40 17.50 -2.71
CA ILE A 192 0.00 17.14 -2.51
C ILE A 192 -0.62 16.95 -3.88
N TRP A 193 -1.06 15.73 -4.19
CA TRP A 193 -1.81 15.48 -5.40
C TRP A 193 -3.31 15.51 -5.10
N VAL A 194 -4.07 16.12 -6.00
CA VAL A 194 -5.53 16.17 -5.90
C VAL A 194 -6.10 15.57 -7.18
N CYS A 195 -6.96 14.56 -7.03
CA CYS A 195 -7.63 13.93 -8.17
C CYS A 195 -9.08 13.68 -7.79
N HIS A 196 -9.87 13.23 -8.76
CA HIS A 196 -11.32 13.17 -8.57
C HIS A 196 -11.81 11.86 -7.95
N VAL A 197 -11.26 10.71 -8.36
CA VAL A 197 -11.66 9.41 -7.84
C VAL A 197 -10.42 8.67 -7.37
N LEU A 198 -10.48 8.13 -6.15
CA LEU A 198 -9.35 7.44 -5.54
C LEU A 198 -9.86 6.15 -4.92
N LYS A 199 -9.20 5.03 -5.24
CA LYS A 199 -9.66 3.74 -4.77
C LYS A 199 -8.52 2.95 -4.14
N SER A 200 -8.87 2.10 -3.17
CA SER A 200 -7.91 1.16 -2.64
C SER A 200 -7.64 0.10 -3.70
N GLU A 201 -6.68 -0.78 -3.41
CA GLU A 201 -6.31 -1.80 -4.39
C GLU A 201 -7.45 -2.78 -4.65
N ILE A 202 -8.37 -2.93 -3.70
CA ILE A 202 -9.50 -3.82 -3.86
C ILE A 202 -10.79 -3.07 -4.21
N GLY A 203 -10.67 -1.82 -4.66
CA GLY A 203 -11.80 -1.12 -5.24
C GLY A 203 -12.62 -0.23 -4.33
N GLN A 204 -12.22 -0.05 -3.07
CA GLN A 204 -13.00 0.78 -2.15
C GLN A 204 -12.63 2.23 -2.38
N ASP A 205 -13.64 3.10 -2.51
CA ASP A 205 -13.37 4.53 -2.59
C ASP A 205 -12.80 5.03 -1.26
N ILE A 206 -11.73 5.81 -1.34
CA ILE A 206 -11.08 6.39 -0.19
C ILE A 206 -10.92 7.89 -0.42
N LEU A 207 -10.69 8.62 0.68
CA LEU A 207 -10.56 10.06 0.62
C LEU A 207 -9.14 10.53 0.37
N GLY A 208 -8.14 9.71 0.64
CA GLY A 208 -6.77 10.14 0.50
C GLY A 208 -5.84 9.05 0.96
N TYR A 209 -4.56 9.23 0.68
CA TYR A 209 -3.58 8.32 1.25
C TYR A 209 -2.23 9.02 1.29
N ALA A 210 -1.37 8.55 2.19
CA ALA A 210 -0.09 9.18 2.47
C ALA A 210 1.05 8.21 2.19
N GLN A 211 2.27 8.75 2.11
CA GLN A 211 3.46 7.93 2.21
C GLN A 211 4.20 8.36 3.48
N PHE A 212 4.46 7.38 4.36
CA PHE A 212 5.22 7.63 5.57
C PHE A 212 6.66 8.02 5.24
N PRO A 213 7.37 8.64 6.17
CA PRO A 213 8.77 9.02 5.89
C PRO A 213 9.63 7.79 5.63
N GLY A 214 10.70 7.99 4.87
CA GLY A 214 11.59 6.89 4.60
C GLY A 214 11.82 6.61 3.13
N GLY A 215 11.31 7.49 2.25
CA GLY A 215 11.49 7.34 0.82
C GLY A 215 10.52 6.30 0.26
N PRO A 216 10.53 6.09 -1.06
CA PRO A 216 11.35 6.74 -2.08
C PRO A 216 10.85 8.16 -2.37
N ALA A 217 11.76 9.07 -2.74
CA ALA A 217 11.36 10.45 -3.00
C ALA A 217 10.33 10.54 -4.12
N GLU A 218 10.42 9.65 -5.10
CA GLU A 218 9.57 9.72 -6.29
C GLU A 218 8.09 9.76 -5.94
N THR A 219 7.69 9.12 -4.83
CA THR A 219 6.27 9.01 -4.47
C THR A 219 5.97 9.61 -3.10
N ASP A 220 6.87 10.41 -2.56
CA ASP A 220 6.66 11.04 -1.27
C ASP A 220 5.59 12.13 -1.36
N GLY A 221 4.68 12.14 -0.40
CA GLY A 221 3.68 13.18 -0.31
C GLY A 221 2.34 12.59 0.10
N VAL A 222 1.27 13.34 -0.17
CA VAL A 222 -0.09 12.91 0.14
C VAL A 222 -0.96 13.14 -1.09
N VAL A 223 -2.04 12.36 -1.16
CA VAL A 223 -3.03 12.41 -2.23
C VAL A 223 -4.39 12.57 -1.56
N ILE A 224 -5.22 13.48 -2.09
CA ILE A 224 -6.55 13.78 -1.53
C ILE A 224 -7.56 13.90 -2.67
N VAL A 225 -8.76 13.33 -2.51
CA VAL A 225 -9.77 13.54 -3.54
C VAL A 225 -10.32 14.96 -3.45
N ASP A 226 -10.69 15.53 -4.61
CA ASP A 226 -11.03 16.95 -4.62
C ASP A 226 -12.27 17.24 -3.78
N ALA A 227 -13.22 16.30 -3.70
CA ALA A 227 -14.41 16.51 -2.88
C ALA A 227 -14.12 16.50 -1.39
N ALA A 228 -12.88 16.15 -1.01
CA ALA A 228 -12.45 16.17 0.38
C ALA A 228 -11.29 17.13 0.60
N PHE A 229 -11.14 18.11 -0.29
CA PHE A 229 -9.99 19.03 -0.28
C PHE A 229 -10.51 20.46 -0.20
N GLY A 230 -10.04 21.21 0.80
CA GLY A 230 -10.48 22.58 0.95
C GLY A 230 -11.86 22.70 1.58
N THR A 231 -12.30 23.95 1.71
CA THR A 231 -13.55 24.27 2.40
C THR A 231 -14.51 25.04 1.51
N THR A 232 -14.29 25.02 0.20
CA THR A 232 -15.14 25.69 -0.77
C THR A 232 -15.04 24.90 -2.06
N GLY A 233 -15.69 25.40 -3.11
CA GLY A 233 -15.60 24.72 -4.40
C GLY A 233 -16.28 23.35 -4.40
N THR A 234 -15.53 22.32 -4.79
CA THR A 234 -16.11 20.98 -4.90
C THR A 234 -16.15 20.21 -3.59
N ALA A 235 -15.61 20.77 -2.51
CA ALA A 235 -15.59 20.06 -1.24
C ALA A 235 -17.02 19.83 -0.77
N LEU A 236 -17.29 18.61 -0.31
CA LEU A 236 -18.63 18.21 0.06
C LEU A 236 -18.67 17.75 1.51
N PRO A 237 -19.75 18.04 2.23
CA PRO A 237 -19.90 17.49 3.57
C PRO A 237 -19.98 15.98 3.51
N PRO A 238 -19.55 15.28 4.57
CA PRO A 238 -19.00 15.78 5.85
C PRO A 238 -17.47 15.92 5.84
N PHE A 239 -16.87 16.02 4.65
CA PHE A 239 -15.42 16.16 4.53
C PHE A 239 -15.10 17.48 3.82
N ASP A 240 -15.65 18.57 4.37
CA ASP A 240 -15.51 19.90 3.78
C ASP A 240 -14.90 20.90 4.75
N LYS A 241 -14.17 20.43 5.76
CA LYS A 241 -13.46 21.30 6.69
C LYS A 241 -11.95 21.14 6.59
N GLY A 242 -11.47 20.44 5.55
CA GLY A 242 -10.05 20.34 5.28
C GLY A 242 -9.29 19.32 6.09
N ARG A 243 -9.98 18.43 6.81
CA ARG A 243 -9.30 17.55 7.76
C ARG A 243 -8.74 16.28 7.15
N THR A 244 -9.18 15.87 5.96
CA THR A 244 -8.53 14.73 5.32
C THR A 244 -7.04 15.02 5.09
N ALA A 245 -6.72 16.24 4.65
CA ALA A 245 -5.31 16.59 4.45
C ALA A 245 -4.57 16.71 5.79
N THR A 246 -5.24 17.23 6.82
CA THR A 246 -4.60 17.26 8.13
C THR A 246 -4.22 15.84 8.57
N HIS A 247 -5.16 14.92 8.38
CA HIS A 247 -4.97 13.51 8.72
C HIS A 247 -3.83 12.89 7.92
N GLU A 248 -3.86 13.04 6.60
CA GLU A 248 -2.82 12.45 5.77
C GLU A 248 -1.46 13.09 6.06
N ILE A 249 -1.42 14.39 6.29
CA ILE A 249 -0.14 14.99 6.60
C ILE A 249 0.35 14.50 7.96
N GLY A 250 -0.58 14.12 8.85
CA GLY A 250 -0.19 13.43 10.08
C GLY A 250 0.62 12.18 9.78
N HIS A 251 0.16 11.37 8.82
CA HIS A 251 0.92 10.20 8.38
C HIS A 251 2.25 10.60 7.77
N TRP A 252 2.25 11.62 6.92
CA TRP A 252 3.48 12.10 6.32
C TRP A 252 4.51 12.46 7.38
N LEU A 253 4.06 12.89 8.56
CA LEU A 253 4.91 13.26 9.68
C LEU A 253 5.08 12.13 10.69
N ASN A 254 4.75 10.90 10.29
CA ASN A 254 5.02 9.64 10.99
C ASN A 254 4.03 9.33 12.11
N LEU A 255 2.79 9.79 11.99
CA LEU A 255 1.75 9.44 12.96
C LEU A 255 0.94 8.27 12.43
N TYR A 256 0.60 7.34 13.33
CA TYR A 256 -0.21 6.17 12.99
C TYR A 256 -1.66 6.38 13.42
N HIS A 257 -2.56 5.65 12.76
CA HIS A 257 -3.94 5.58 13.20
C HIS A 257 -4.04 5.29 14.69
N ILE A 258 -4.90 6.05 15.36
CA ILE A 258 -4.97 5.99 16.81
C ILE A 258 -5.40 4.61 17.30
N TRP A 259 -6.13 3.84 16.48
CA TRP A 259 -6.64 2.54 16.92
C TRP A 259 -5.68 1.39 16.68
N GLY A 260 -4.57 1.60 15.97
CA GLY A 260 -3.51 0.62 15.92
C GLY A 260 -3.50 -0.29 14.70
N ASP A 261 -4.49 -0.19 13.82
CA ASP A 261 -4.48 -0.86 12.52
C ASP A 261 -4.43 -2.38 12.64
N GLU A 262 -5.19 -2.94 13.58
CA GLU A 262 -5.27 -4.39 13.64
C GLU A 262 -5.84 -4.96 12.35
N LEU A 263 -5.36 -6.15 11.98
CA LEU A 263 -5.96 -6.94 10.91
C LEU A 263 -7.18 -7.69 11.43
N ARG A 264 -8.03 -8.15 10.49
CA ARG A 264 -9.36 -8.63 10.89
C ARG A 264 -9.28 -9.75 11.91
N PHE A 265 -8.21 -10.53 11.87
CA PHE A 265 -8.08 -11.70 12.74
C PHE A 265 -7.37 -11.39 14.05
N GLU A 266 -6.94 -10.17 14.29
CA GLU A 266 -6.23 -9.83 15.52
C GLU A 266 -7.19 -9.31 16.57
N ASP A 267 -6.76 -9.42 17.82
CA ASP A 267 -7.47 -8.81 18.95
C ASP A 267 -7.52 -7.30 18.72
N PRO A 268 -8.71 -6.68 18.73
CA PRO A 268 -8.78 -5.23 18.44
C PRO A 268 -8.15 -4.35 19.50
N CYS A 269 -7.73 -4.88 20.64
CA CYS A 269 -7.09 -4.06 21.66
C CYS A 269 -5.58 -4.27 21.72
N SER A 270 -5.01 -5.00 20.76
CA SER A 270 -3.64 -5.52 20.88
C SER A 270 -2.57 -4.61 20.31
N ARG A 271 -2.87 -3.80 19.30
CA ARG A 271 -1.84 -3.01 18.65
C ARG A 271 -1.83 -1.58 19.16
N SER A 272 -0.71 -0.90 18.93
CA SER A 272 -0.47 0.41 19.50
C SER A 272 -0.13 1.40 18.40
N ASP A 273 -0.50 2.66 18.63
CA ASP A 273 -0.06 3.76 17.78
C ASP A 273 1.25 4.37 18.28
N GLU A 274 1.88 3.76 19.30
CA GLU A 274 3.18 4.16 19.85
C GLU A 274 3.12 5.54 20.51
N VAL A 275 1.96 5.93 21.01
CA VAL A 275 1.78 7.21 21.68
C VAL A 275 1.08 6.96 23.00
N ASP A 276 1.75 7.31 24.10
CA ASP A 276 1.19 6.97 25.41
C ASP A 276 -0.08 7.77 25.72
N ASP A 277 -0.14 9.04 25.33
CA ASP A 277 -1.25 9.87 25.75
C ASP A 277 -2.47 9.76 24.84
N THR A 278 -2.44 8.86 23.84
CA THR A 278 -3.65 8.50 23.10
C THR A 278 -4.19 7.21 23.69
N PRO A 279 -5.41 7.22 24.22
CA PRO A 279 -5.94 6.03 24.88
C PRO A 279 -5.97 4.83 23.92
N ASN A 280 -5.64 3.66 24.45
CA ASN A 280 -5.77 2.42 23.69
C ASN A 280 -7.21 2.27 23.22
N GLN A 281 -7.37 1.94 21.94
CA GLN A 281 -8.64 2.06 21.25
C GLN A 281 -8.83 0.84 20.35
N ALA A 282 -10.06 0.32 20.30
CA ALA A 282 -10.31 -0.88 19.50
C ALA A 282 -10.19 -0.58 18.00
N ASP A 283 -11.20 0.10 17.46
CA ASP A 283 -11.38 0.24 16.02
C ASP A 283 -11.42 1.71 15.63
N PRO A 284 -11.37 2.04 14.34
CA PRO A 284 -11.64 3.42 13.91
C PRO A 284 -13.06 3.83 14.28
N ASN A 285 -13.23 5.12 14.53
CA ASN A 285 -14.55 5.71 14.66
C ASN A 285 -14.88 6.49 13.39
N PHE A 286 -16.12 6.37 12.94
CA PHE A 286 -16.63 7.08 11.79
C PHE A 286 -17.77 8.01 12.19
N GLY A 287 -18.11 8.92 11.29
CA GLY A 287 -19.25 9.77 11.55
C GLY A 287 -18.98 10.77 12.65
N ALA A 288 -19.95 10.92 13.55
CA ALA A 288 -19.87 11.89 14.64
C ALA A 288 -20.21 11.20 15.95
N PRO A 289 -19.22 10.60 16.61
CA PRO A 289 -19.49 9.86 17.85
C PRO A 289 -19.85 10.78 19.01
N SER A 290 -20.54 10.20 19.98
CA SER A 290 -20.90 10.87 21.23
C SER A 290 -19.84 10.63 22.27
N TYR A 291 -19.42 11.70 22.98
CA TYR A 291 -18.51 11.47 24.10
C TYR A 291 -19.29 11.01 25.33
N PRO A 292 -18.81 9.98 26.05
CA PRO A 292 -17.62 9.17 25.76
C PRO A 292 -17.93 7.93 24.93
N HIS A 293 -16.96 7.48 24.14
CA HIS A 293 -17.06 6.25 23.34
C HIS A 293 -15.98 5.30 23.83
N VAL A 294 -16.35 4.42 24.75
CA VAL A 294 -15.37 3.59 25.45
C VAL A 294 -15.07 2.34 24.62
N SER A 295 -13.81 1.93 24.62
CA SER A 295 -13.38 0.65 24.07
C SER A 295 -12.09 0.24 24.77
N CYS A 296 -11.78 -1.05 24.72
CA CYS A 296 -10.52 -1.59 25.25
C CYS A 296 -10.27 -1.17 26.70
N SER A 297 -11.33 -1.10 27.51
CA SER A 297 -11.22 -0.82 28.93
C SER A 297 -10.68 0.58 29.21
N ASN A 298 -10.89 1.53 28.29
CA ASN A 298 -10.34 2.86 28.46
C ASN A 298 -11.33 3.82 29.08
N GLY A 299 -12.37 3.33 29.74
CA GLY A 299 -13.33 4.17 30.40
C GLY A 299 -12.76 4.80 31.65
N PRO A 300 -13.43 5.84 32.17
CA PRO A 300 -14.70 6.38 31.67
C PRO A 300 -14.56 7.39 30.54
N ASN A 301 -13.33 7.83 30.24
CA ASN A 301 -13.18 8.89 29.24
C ASN A 301 -13.36 8.39 27.83
N GLY A 302 -12.98 7.14 27.54
CA GLY A 302 -13.19 6.56 26.23
C GLY A 302 -12.14 6.91 25.18
N ASP A 303 -12.50 6.61 23.93
CA ASP A 303 -11.64 6.88 22.77
C ASP A 303 -11.45 8.37 22.58
N MET A 304 -10.25 8.76 22.16
CA MET A 304 -9.97 10.13 21.76
C MET A 304 -10.36 10.31 20.29
N PHE A 305 -11.66 10.12 20.02
CA PHE A 305 -12.13 10.05 18.64
C PHE A 305 -12.08 11.40 17.94
N MET A 306 -11.87 12.48 18.68
CA MET A 306 -11.69 13.79 18.08
C MET A 306 -10.25 14.06 17.72
N ASN A 307 -9.38 13.05 17.83
CA ASN A 307 -8.01 13.16 17.34
C ASN A 307 -8.00 13.09 15.80
N TYR A 308 -7.12 13.86 15.18
CA TYR A 308 -7.06 13.87 13.71
C TYR A 308 -6.74 12.52 13.12
N MET A 309 -6.12 11.61 13.87
CA MET A 309 -5.73 10.32 13.31
C MET A 309 -6.80 9.25 13.54
N ASP A 310 -8.00 9.63 13.94
CA ASP A 310 -9.13 8.72 13.83
C ASP A 310 -9.73 8.90 12.43
N TYR A 311 -10.93 8.37 12.22
CA TYR A 311 -11.59 8.39 10.90
C TYR A 311 -12.90 9.17 10.94
N VAL A 312 -13.11 10.00 11.95
CA VAL A 312 -14.40 10.66 12.13
C VAL A 312 -14.59 11.76 11.10
N ASP A 313 -15.82 12.27 11.01
CA ASP A 313 -16.12 13.38 10.12
C ASP A 313 -15.26 14.59 10.43
N ASP A 314 -15.05 15.43 9.41
CA ASP A 314 -14.15 16.58 9.55
C ASP A 314 -14.49 17.44 10.76
N LYS A 315 -15.79 17.68 11.00
CA LYS A 315 -16.15 18.61 12.05
C LYS A 315 -15.90 18.05 13.44
N CYS A 316 -15.60 16.76 13.55
CA CYS A 316 -15.40 16.09 14.83
C CYS A 316 -13.95 15.87 15.20
N MET A 317 -13.00 16.01 14.27
CA MET A 317 -11.59 15.83 14.61
C MET A 317 -10.92 17.20 14.65
N VAL A 318 -10.29 17.52 15.79
CA VAL A 318 -9.91 18.90 16.07
C VAL A 318 -8.57 19.01 16.81
N MET A 319 -7.83 17.91 16.96
CA MET A 319 -6.65 18.02 17.81
C MET A 319 -5.62 16.95 17.51
N PHE A 320 -4.36 17.31 17.77
CA PHE A 320 -3.25 16.40 17.98
C PHE A 320 -2.88 16.42 19.45
N THR A 321 -2.26 15.35 19.93
CA THR A 321 -1.78 15.30 21.30
C THR A 321 -0.30 15.67 21.38
N GLN A 322 0.15 16.00 22.60
CA GLN A 322 1.56 16.25 22.82
C GLN A 322 2.39 15.01 22.55
N GLY A 323 1.83 13.83 22.84
CA GLY A 323 2.53 12.60 22.55
C GLY A 323 2.76 12.42 21.06
N GLN A 324 1.79 12.84 20.26
CA GLN A 324 1.97 12.80 18.81
C GLN A 324 2.99 13.84 18.36
N ALA A 325 2.99 15.01 18.99
CA ALA A 325 3.97 16.03 18.65
C ALA A 325 5.40 15.54 18.87
N THR A 326 5.60 14.70 19.89
CA THR A 326 6.91 14.08 20.10
C THR A 326 7.36 13.31 18.87
N ARG A 327 6.48 12.48 18.31
CA ARG A 327 6.83 11.72 17.11
C ARG A 327 7.04 12.64 15.92
N VAL A 328 6.20 13.65 15.76
CA VAL A 328 6.37 14.63 14.69
C VAL A 328 7.73 15.31 14.80
N ASN A 329 8.12 15.67 16.03
CA ASN A 329 9.40 16.32 16.24
C ASN A 329 10.55 15.38 15.90
N ALA A 330 10.41 14.10 16.20
CA ALA A 330 11.44 13.13 15.82
C ALA A 330 11.54 13.03 14.31
N CYS A 331 10.40 13.05 13.62
CA CYS A 331 10.39 13.04 12.17
C CYS A 331 11.09 14.26 11.60
N LEU A 332 10.74 15.44 12.12
CA LEU A 332 11.38 16.68 11.65
C LEU A 332 12.87 16.70 11.98
N ASP A 333 13.26 16.07 13.09
CA ASP A 333 14.67 16.07 13.48
C ASP A 333 15.49 15.02 12.72
N GLY A 334 14.84 13.99 12.17
CA GLY A 334 15.55 12.91 11.53
C GLY A 334 15.33 12.87 10.04
N PRO A 335 14.37 12.05 9.61
CA PRO A 335 14.21 11.79 8.16
C PRO A 335 13.77 13.01 7.37
N ARG A 336 13.09 13.98 7.98
CA ARG A 336 12.68 15.17 7.25
C ARG A 336 13.42 16.41 7.74
N SER A 337 14.62 16.22 8.27
CA SER A 337 15.41 17.36 8.76
C SER A 337 15.74 18.35 7.65
N SER A 338 15.59 17.94 6.38
CA SER A 338 15.89 18.86 5.30
C SER A 338 14.92 20.05 5.26
N PHE A 339 13.77 19.93 5.91
CA PHE A 339 12.81 21.02 5.96
C PHE A 339 13.12 22.02 7.07
N LEU A 340 14.07 21.74 7.94
CA LEU A 340 14.47 22.67 8.97
C LEU A 340 15.23 23.84 8.36
N ALA A 341 15.10 24.99 8.99
CA ALA A 341 15.83 26.18 8.57
C ALA A 341 17.31 25.99 8.86
N GLY B 1 -3.03 1.29 6.77
CA GLY B 1 -2.25 2.18 7.62
C GLY B 1 -1.95 3.53 7.00
N SER B 2 -1.80 3.57 5.67
CA SER B 2 -1.42 4.78 4.95
C SER B 2 -2.62 5.63 4.50
N SER B 3 -3.83 5.07 4.53
CA SER B 3 -5.01 5.84 4.19
C SER B 3 -5.41 6.65 5.41
N ARG C 80 -6.80 -25.87 -27.67
CA ARG C 80 -5.35 -25.76 -27.47
C ARG C 80 -5.02 -24.49 -26.66
N MET C 81 -4.08 -24.65 -25.73
CA MET C 81 -3.65 -23.57 -24.86
C MET C 81 -2.54 -22.77 -25.53
N GLU C 82 -2.66 -21.44 -25.52
CA GLU C 82 -1.57 -20.58 -25.93
C GLU C 82 -0.68 -20.35 -24.71
N ILE C 83 0.55 -20.83 -24.78
CA ILE C 83 1.48 -20.72 -23.66
C ILE C 83 2.15 -19.34 -23.70
N VAL C 84 1.88 -18.53 -22.69
CA VAL C 84 2.48 -17.19 -22.58
C VAL C 84 3.81 -17.32 -21.84
N LYS C 85 4.88 -16.83 -22.46
CA LYS C 85 6.24 -17.00 -21.95
C LYS C 85 6.75 -15.66 -21.47
N ILE C 86 6.87 -15.50 -20.16
CA ILE C 86 7.11 -14.20 -19.53
C ILE C 86 8.60 -14.08 -19.23
N PRO C 87 9.31 -13.12 -19.82
CA PRO C 87 10.70 -12.85 -19.42
C PRO C 87 10.74 -12.23 -18.04
N VAL C 88 11.59 -12.77 -17.18
CA VAL C 88 11.75 -12.32 -15.81
C VAL C 88 13.12 -11.68 -15.66
N VAL C 89 13.20 -10.57 -14.94
CA VAL C 89 14.48 -10.10 -14.42
C VAL C 89 14.39 -10.11 -12.90
N VAL C 90 15.36 -10.75 -12.26
CA VAL C 90 15.43 -10.81 -10.80
C VAL C 90 16.45 -9.77 -10.34
N HIS C 91 16.01 -8.84 -9.49
CA HIS C 91 16.88 -7.83 -8.90
C HIS C 91 17.22 -8.24 -7.48
N VAL C 92 18.39 -8.83 -7.29
CA VAL C 92 18.87 -9.15 -5.95
C VAL C 92 19.45 -7.88 -5.35
N VAL C 93 18.90 -7.46 -4.21
CA VAL C 93 19.37 -6.27 -3.49
C VAL C 93 19.91 -6.75 -2.15
N TRP C 94 21.20 -6.58 -1.93
CA TRP C 94 21.88 -7.28 -0.85
C TRP C 94 22.73 -6.33 -0.02
N ASN C 95 22.67 -6.51 1.30
CA ASN C 95 23.50 -5.74 2.23
C ASN C 95 24.69 -6.58 2.72
N GLU C 96 24.41 -7.66 3.44
CA GLU C 96 25.41 -8.65 3.79
C GLU C 96 25.55 -9.69 2.67
N GLU C 97 26.73 -10.31 2.61
CA GLU C 97 27.09 -11.17 1.48
C GLU C 97 26.09 -12.32 1.32
N GLU C 98 25.60 -12.87 2.43
CA GLU C 98 24.71 -14.02 2.32
C GLU C 98 23.37 -13.66 1.66
N GLU C 99 23.03 -12.37 1.62
CA GLU C 99 21.81 -11.92 0.96
C GLU C 99 21.96 -11.86 -0.55
N ASN C 100 23.19 -11.97 -1.06
CA ASN C 100 23.46 -11.99 -2.49
C ASN C 100 23.28 -13.43 -2.99
N ILE C 101 21.99 -13.83 -3.09
CA ILE C 101 21.66 -15.26 -3.18
C ILE C 101 22.15 -15.86 -4.49
N SER C 102 22.33 -17.17 -4.49
CA SER C 102 23.03 -17.84 -5.58
C SER C 102 22.17 -17.91 -6.84
N ASP C 103 22.86 -18.05 -7.98
CA ASP C 103 22.18 -18.35 -9.23
C ASP C 103 21.30 -19.59 -9.09
N ALA C 104 21.77 -20.60 -8.35
CA ALA C 104 20.99 -21.83 -8.20
C ALA C 104 19.70 -21.57 -7.44
N GLN C 105 19.75 -20.72 -6.40
CA GLN C 105 18.53 -20.43 -5.64
C GLN C 105 17.52 -19.69 -6.51
N ILE C 106 18.00 -18.71 -7.29
CA ILE C 106 17.14 -17.99 -8.22
C ILE C 106 16.53 -18.95 -9.24
N GLN C 107 17.37 -19.78 -9.87
CA GLN C 107 16.86 -20.72 -10.86
C GLN C 107 15.85 -21.68 -10.23
N SER C 108 16.06 -22.07 -8.98
CA SER C 108 15.12 -22.98 -8.34
C SER C 108 13.74 -22.36 -8.23
N GLN C 109 13.66 -21.03 -8.06
CA GLN C 109 12.35 -20.39 -8.02
C GLN C 109 11.68 -20.41 -9.39
N ILE C 110 12.45 -20.13 -10.44
CA ILE C 110 11.89 -20.16 -11.79
C ILE C 110 11.33 -21.54 -12.08
N ASP C 111 12.07 -22.58 -11.68
CA ASP C 111 11.59 -23.96 -11.86
C ASP C 111 10.22 -24.16 -11.23
N ILE C 112 10.03 -23.65 -10.01
CA ILE C 112 8.73 -23.81 -9.35
C ILE C 112 7.65 -23.07 -10.12
N LEU C 113 7.91 -21.84 -10.56
CA LEU C 113 6.91 -21.08 -11.29
C LEU C 113 6.44 -21.86 -12.52
N ASN C 114 7.38 -22.54 -13.19
CA ASN C 114 7.04 -23.27 -14.40
C ASN C 114 6.34 -24.59 -14.11
N LYS C 115 6.30 -25.04 -12.85
CA LYS C 115 5.43 -26.13 -12.45
C LYS C 115 4.07 -25.63 -12.03
N ASP C 116 4.04 -24.65 -11.11
CA ASP C 116 2.79 -24.20 -10.53
C ASP C 116 1.87 -23.58 -11.57
N PHE C 117 2.44 -22.81 -12.51
CA PHE C 117 1.62 -22.12 -13.50
C PHE C 117 1.25 -23.00 -14.68
N ARG C 118 1.65 -24.27 -14.68
CA ARG C 118 1.25 -25.22 -15.70
C ARG C 118 0.49 -26.41 -15.13
N LYS C 119 0.14 -26.39 -13.84
CA LYS C 119 -0.52 -27.54 -13.20
C LYS C 119 0.37 -28.78 -13.29
N LEU C 120 1.68 -28.59 -13.24
CA LEU C 120 2.62 -29.71 -13.27
C LEU C 120 3.30 -29.96 -11.94
N ASN C 121 2.92 -29.24 -10.88
CA ASN C 121 3.42 -29.57 -9.55
C ASN C 121 2.81 -30.89 -9.09
N SER C 122 3.64 -31.82 -8.68
CA SER C 122 3.13 -33.12 -8.29
C SER C 122 2.22 -33.03 -7.08
N ASP C 123 2.44 -32.04 -6.20
CA ASP C 123 1.61 -31.96 -5.00
C ASP C 123 0.20 -31.44 -5.26
N VAL C 124 -0.17 -31.21 -6.53
CA VAL C 124 -1.56 -30.97 -6.88
C VAL C 124 -2.42 -32.16 -6.48
N SER C 125 -1.81 -33.32 -6.26
CA SER C 125 -2.53 -34.49 -5.79
C SER C 125 -3.15 -34.30 -4.40
N GLN C 126 -2.71 -33.27 -3.65
CA GLN C 126 -3.26 -32.98 -2.33
C GLN C 126 -4.61 -32.27 -2.38
N VAL C 127 -5.03 -31.75 -3.53
CA VAL C 127 -6.33 -31.08 -3.61
C VAL C 127 -7.42 -32.07 -3.25
N PRO C 128 -8.36 -31.72 -2.38
CA PRO C 128 -9.50 -32.61 -2.13
C PRO C 128 -10.19 -33.00 -3.43
N SER C 129 -10.52 -34.29 -3.55
CA SER C 129 -11.07 -34.81 -4.81
C SER C 129 -12.34 -34.07 -5.21
N VAL C 130 -13.12 -33.60 -4.25
CA VAL C 130 -14.34 -32.87 -4.57
C VAL C 130 -14.05 -31.64 -5.42
N TRP C 131 -12.81 -31.15 -5.41
CA TRP C 131 -12.45 -29.96 -6.17
C TRP C 131 -11.49 -30.26 -7.32
N SER C 132 -11.24 -31.54 -7.64
CA SER C 132 -10.25 -31.88 -8.66
C SER C 132 -10.58 -31.26 -10.00
N ASN C 133 -11.87 -31.23 -10.37
CA ASN C 133 -12.22 -30.69 -11.67
C ASN C 133 -12.14 -29.18 -11.73
N LEU C 134 -11.71 -28.53 -10.65
CA LEU C 134 -11.52 -27.09 -10.63
C LEU C 134 -10.07 -26.66 -10.83
N ILE C 135 -9.12 -27.57 -10.69
CA ILE C 135 -7.71 -27.21 -10.73
C ILE C 135 -7.34 -26.76 -12.14
N ALA C 136 -6.74 -25.57 -12.25
CA ALA C 136 -6.46 -24.96 -13.55
C ALA C 136 -4.98 -25.03 -13.91
N ASP C 137 -4.74 -25.17 -15.21
CA ASP C 137 -3.46 -24.94 -15.85
C ASP C 137 -3.50 -23.51 -16.41
N LEU C 138 -2.72 -22.60 -15.84
CA LEU C 138 -2.82 -21.22 -16.29
C LEU C 138 -2.13 -20.99 -17.64
N GLY C 139 -1.33 -21.94 -18.12
CA GLY C 139 -0.69 -21.78 -19.41
C GLY C 139 0.32 -20.66 -19.46
N ILE C 140 1.03 -20.42 -18.36
CA ILE C 140 2.06 -19.40 -18.30
C ILE C 140 3.38 -20.05 -17.95
N GLU C 141 4.44 -19.66 -18.63
CA GLU C 141 5.78 -20.10 -18.31
C GLU C 141 6.69 -18.89 -18.20
N PHE C 142 7.83 -19.09 -17.52
CA PHE C 142 8.72 -17.99 -17.15
C PHE C 142 10.16 -18.35 -17.50
N PHE C 143 10.94 -17.34 -17.86
CA PHE C 143 12.35 -17.58 -18.08
C PHE C 143 13.12 -16.33 -17.68
N LEU C 144 14.33 -16.52 -17.14
CA LEU C 144 15.22 -15.39 -16.93
C LEU C 144 15.54 -14.75 -18.27
N ALA C 145 15.39 -13.42 -18.34
CA ALA C 145 15.59 -12.71 -19.59
C ALA C 145 16.96 -13.02 -20.18
N THR C 146 17.00 -13.16 -21.50
CA THR C 146 18.26 -13.30 -22.19
C THR C 146 18.69 -12.03 -22.91
N LYS C 147 17.79 -11.07 -23.11
CA LYS C 147 18.15 -9.77 -23.66
C LYS C 147 17.73 -8.69 -22.68
N ASP C 148 18.60 -7.72 -22.48
CA ASP C 148 18.31 -6.62 -21.57
C ASP C 148 17.40 -5.65 -22.31
N PRO C 149 16.93 -4.59 -21.65
CA PRO C 149 15.93 -3.73 -22.30
C PRO C 149 16.43 -3.06 -23.57
N ASN C 150 17.74 -3.01 -23.79
CA ASN C 150 18.26 -2.41 -25.00
C ASN C 150 18.80 -3.44 -25.98
N GLY C 151 18.41 -4.70 -25.80
CA GLY C 151 18.72 -5.75 -26.75
C GLY C 151 20.03 -6.45 -26.54
N ASN C 152 20.68 -6.26 -25.40
CA ASN C 152 22.02 -6.80 -25.19
C ASN C 152 21.95 -8.06 -24.35
N GLN C 153 22.97 -8.90 -24.48
CA GLN C 153 22.99 -10.14 -23.72
C GLN C 153 22.95 -9.86 -22.23
N THR C 154 22.21 -10.69 -21.49
CA THR C 154 22.07 -10.54 -20.05
C THR C 154 21.91 -11.92 -19.41
N THR C 155 22.23 -12.00 -18.12
CA THR C 155 21.84 -13.15 -17.30
C THR C 155 20.39 -13.07 -16.84
N GLY C 156 19.76 -11.91 -16.99
CA GLY C 156 18.45 -11.70 -16.42
C GLY C 156 18.45 -11.50 -14.92
N ILE C 157 19.61 -11.33 -14.31
CA ILE C 157 19.76 -11.09 -12.87
C ILE C 157 20.57 -9.83 -12.68
N THR C 158 20.06 -8.89 -11.90
CA THR C 158 20.89 -7.79 -11.43
C THR C 158 21.21 -8.01 -9.96
N ARG C 159 22.39 -7.55 -9.54
CA ARG C 159 22.87 -7.70 -8.18
C ARG C 159 23.38 -6.34 -7.69
N THR C 160 22.69 -5.77 -6.72
CA THR C 160 22.97 -4.40 -6.28
C THR C 160 23.23 -4.40 -4.79
N GLN C 161 24.42 -3.97 -4.39
CA GLN C 161 24.72 -3.82 -2.97
C GLN C 161 24.04 -2.57 -2.43
N THR C 162 23.58 -2.65 -1.18
CA THR C 162 22.87 -1.55 -0.55
C THR C 162 23.32 -1.44 0.89
N SER C 163 23.20 -0.21 1.42
CA SER C 163 23.37 0.03 2.85
C SER C 163 22.06 -0.07 3.62
N VAL C 164 20.93 -0.19 2.91
CA VAL C 164 19.62 -0.31 3.54
C VAL C 164 19.51 -1.63 4.29
N THR C 165 18.99 -1.59 5.51
CA THR C 165 18.84 -2.83 6.26
C THR C 165 17.46 -3.45 6.11
N PHE C 166 16.42 -2.68 5.81
CA PHE C 166 15.12 -3.27 5.52
C PHE C 166 14.35 -2.38 4.56
N PHE C 167 13.47 -3.01 3.79
CA PHE C 167 12.62 -2.34 2.81
C PHE C 167 11.17 -2.51 3.23
N THR C 168 10.30 -1.65 2.68
CA THR C 168 8.89 -1.69 3.06
C THR C 168 8.02 -1.71 1.80
N THR C 169 6.71 -1.78 2.00
CA THR C 169 5.76 -1.70 0.91
C THR C 169 5.74 -0.33 0.22
N SER C 170 6.49 0.67 0.68
CA SER C 170 6.50 1.94 -0.03
CA SER C 170 6.56 1.96 0.02
C SER C 170 7.39 1.94 -1.27
N ASP C 171 8.00 0.81 -1.61
CA ASP C 171 8.73 0.61 -2.87
C ASP C 171 10.14 1.21 -2.90
N GLU C 172 10.80 1.34 -1.75
CA GLU C 172 12.19 1.78 -1.77
C GLU C 172 13.08 0.82 -2.55
N VAL C 173 12.74 -0.48 -2.54
CA VAL C 173 13.58 -1.47 -3.24
C VAL C 173 13.54 -1.30 -4.74
N LYS C 174 12.60 -0.51 -5.27
CA LYS C 174 12.36 -0.42 -6.71
C LYS C 174 13.03 0.78 -7.35
N PHE C 175 13.80 1.56 -6.60
CA PHE C 175 14.51 2.70 -7.16
C PHE C 175 15.95 2.64 -6.67
N ALA C 176 16.90 2.76 -7.61
CA ALA C 176 18.30 2.82 -7.21
C ALA C 176 18.55 3.97 -6.25
N SER C 177 17.81 5.07 -6.41
CA SER C 177 18.04 6.26 -5.61
C SER C 177 17.61 6.08 -4.16
N SER C 178 16.76 5.10 -3.86
CA SER C 178 16.41 4.78 -2.48
C SER C 178 17.08 3.50 -1.99
N GLY C 179 18.22 3.14 -2.58
CA GLY C 179 18.97 1.99 -2.13
C GLY C 179 18.53 0.67 -2.72
N GLY C 180 17.68 0.70 -3.73
CA GLY C 180 17.24 -0.53 -4.38
C GLY C 180 17.75 -0.59 -5.80
N GLU C 181 16.89 -0.97 -6.74
CA GLU C 181 17.32 -1.15 -8.12
C GLU C 181 16.15 -0.81 -9.04
N ASP C 182 16.40 -0.01 -10.08
CA ASP C 182 15.32 0.43 -10.96
C ASP C 182 14.65 -0.75 -11.68
N ALA C 183 13.36 -0.60 -11.93
CA ALA C 183 12.62 -1.58 -12.72
C ALA C 183 13.06 -1.55 -14.19
N TRP C 184 13.05 -2.73 -14.81
CA TRP C 184 13.09 -2.83 -16.26
C TRP C 184 11.70 -2.60 -16.82
N PRO C 185 11.58 -2.27 -18.13
CA PRO C 185 10.26 -1.92 -18.69
C PRO C 185 9.18 -2.96 -18.45
N ALA C 186 8.11 -2.53 -17.78
CA ALA C 186 7.12 -3.44 -17.23
C ALA C 186 6.22 -4.07 -18.28
N ASP C 187 6.20 -3.52 -19.48
CA ASP C 187 5.43 -4.12 -20.57
C ASP C 187 6.17 -5.28 -21.22
N ARG C 188 7.45 -5.44 -20.90
CA ARG C 188 8.28 -6.49 -21.51
C ARG C 188 8.86 -7.47 -20.51
N TYR C 189 8.89 -7.14 -19.21
CA TYR C 189 9.54 -7.96 -18.22
C TYR C 189 8.69 -8.02 -16.96
N LEU C 190 8.67 -9.19 -16.32
CA LEU C 190 8.23 -9.28 -14.94
C LEU C 190 9.42 -8.97 -14.05
N ASN C 191 9.35 -7.85 -13.32
CA ASN C 191 10.38 -7.51 -12.36
C ASN C 191 10.13 -8.25 -11.06
N ILE C 192 11.15 -8.96 -10.58
CA ILE C 192 11.12 -9.59 -9.27
C ILE C 192 12.28 -9.02 -8.46
N TRP C 193 11.97 -8.31 -7.38
CA TRP C 193 12.99 -7.87 -6.44
C TRP C 193 13.10 -8.85 -5.28
N VAL C 194 14.33 -9.14 -4.85
CA VAL C 194 14.61 -10.00 -3.73
C VAL C 194 15.46 -9.21 -2.74
N CYS C 195 15.00 -9.10 -1.49
CA CYS C 195 15.76 -8.43 -0.44
C CYS C 195 15.65 -9.24 0.84
N HIS C 196 16.39 -8.82 1.87
CA HIS C 196 16.52 -9.65 3.05
C HIS C 196 15.42 -9.44 4.09
N VAL C 197 15.02 -8.19 4.35
CA VAL C 197 13.99 -7.85 5.33
C VAL C 197 12.95 -6.98 4.65
N LEU C 198 11.68 -7.33 4.82
CA LEU C 198 10.55 -6.65 4.20
C LEU C 198 9.48 -6.44 5.27
N LYS C 199 8.99 -5.20 5.40
CA LYS C 199 8.02 -4.88 6.44
C LYS C 199 6.84 -4.12 5.86
N SER C 200 5.68 -4.31 6.48
CA SER C 200 4.54 -3.46 6.15
C SER C 200 4.81 -2.05 6.67
N GLU C 201 3.90 -1.13 6.34
CA GLU C 201 4.11 0.26 6.78
C GLU C 201 4.06 0.40 8.29
N ILE C 202 3.38 -0.51 8.99
CA ILE C 202 3.28 -0.45 10.44
C ILE C 202 4.24 -1.42 11.12
N GLY C 203 5.24 -1.92 10.39
CA GLY C 203 6.34 -2.64 10.98
C GLY C 203 6.25 -4.15 11.03
N GLN C 204 5.22 -4.74 10.44
CA GLN C 204 5.08 -6.19 10.48
C GLN C 204 5.95 -6.83 9.40
N ASP C 205 6.74 -7.83 9.76
CA ASP C 205 7.51 -8.57 8.76
C ASP C 205 6.57 -9.33 7.84
N ILE C 206 6.82 -9.20 6.53
CA ILE C 206 6.03 -9.86 5.51
C ILE C 206 6.96 -10.61 4.58
N LEU C 207 6.40 -11.56 3.84
CA LEU C 207 7.19 -12.38 2.94
C LEU C 207 7.33 -11.80 1.55
N GLY C 208 6.44 -10.90 1.16
CA GLY C 208 6.49 -10.35 -0.18
C GLY C 208 5.31 -9.43 -0.41
N TYR C 209 5.37 -8.71 -1.52
CA TYR C 209 4.20 -7.93 -1.91
C TYR C 209 4.26 -7.68 -3.41
N ALA C 210 3.08 -7.42 -3.97
CA ALA C 210 2.88 -7.30 -5.40
C ALA C 210 2.32 -5.93 -5.75
N GLN C 211 2.38 -5.59 -7.03
CA GLN C 211 1.59 -4.50 -7.58
C GLN C 211 0.62 -5.09 -8.58
N PHE C 212 -0.68 -4.82 -8.38
CA PHE C 212 -1.70 -5.26 -9.32
C PHE C 212 -1.54 -4.56 -10.66
N PRO C 213 -2.15 -5.10 -11.72
CA PRO C 213 -2.05 -4.44 -13.03
C PRO C 213 -2.70 -3.06 -13.01
N GLY C 214 -2.22 -2.20 -13.90
CA GLY C 214 -2.78 -0.87 -13.98
C GLY C 214 -1.76 0.23 -13.81
N GLY C 215 -0.47 -0.13 -13.75
CA GLY C 215 0.60 0.84 -13.59
C GLY C 215 0.71 1.32 -12.16
N PRO C 216 1.70 2.20 -11.88
CA PRO C 216 2.68 2.78 -12.81
C PRO C 216 3.79 1.79 -13.13
N ALA C 217 4.38 1.89 -14.34
CA ALA C 217 5.43 0.95 -14.73
C ALA C 217 6.62 0.99 -13.80
N GLU C 218 6.93 2.16 -13.24
CA GLU C 218 8.14 2.31 -12.42
C GLU C 218 8.20 1.31 -11.28
N THR C 219 7.04 0.89 -10.76
CA THR C 219 7.01 0.02 -9.59
C THR C 219 6.27 -1.29 -9.87
N ASP C 220 6.05 -1.63 -11.13
CA ASP C 220 5.37 -2.88 -11.46
C ASP C 220 6.25 -4.09 -11.18
N GLY C 221 5.65 -5.11 -10.57
CA GLY C 221 6.38 -6.34 -10.34
C GLY C 221 6.03 -6.90 -8.97
N VAL C 222 6.89 -7.78 -8.47
CA VAL C 222 6.71 -8.41 -7.17
C VAL C 222 8.02 -8.34 -6.40
N VAL C 223 7.90 -8.38 -5.07
CA VAL C 223 9.03 -8.36 -4.16
C VAL C 223 8.88 -9.56 -3.22
N ILE C 224 9.99 -10.26 -2.97
CA ILE C 224 10.01 -11.47 -2.14
C ILE C 224 11.24 -11.43 -1.24
N VAL C 225 11.08 -11.80 0.04
CA VAL C 225 12.27 -11.90 0.89
C VAL C 225 13.07 -13.14 0.51
N ASP C 226 14.39 -13.07 0.69
CA ASP C 226 15.23 -14.15 0.17
C ASP C 226 14.98 -15.47 0.90
N ALA C 227 14.62 -15.44 2.18
CA ALA C 227 14.34 -16.67 2.91
C ALA C 227 13.04 -17.33 2.48
N ALA C 228 12.26 -16.67 1.62
CA ALA C 228 11.02 -17.23 1.08
C ALA C 228 11.09 -17.34 -0.44
N PHE C 229 12.30 -17.37 -1.01
CA PHE C 229 12.52 -17.36 -2.44
C PHE C 229 13.34 -18.58 -2.83
N GLY C 230 12.83 -19.38 -3.76
CA GLY C 230 13.54 -20.58 -4.18
C GLY C 230 13.38 -21.74 -3.22
N THR C 231 14.05 -22.84 -3.57
CA THR C 231 13.91 -24.09 -2.82
C THR C 231 15.26 -24.59 -2.32
N THR C 232 16.27 -23.72 -2.32
CA THR C 232 17.61 -24.06 -1.86
C THR C 232 18.25 -22.79 -1.32
N GLY C 233 19.50 -22.87 -0.92
CA GLY C 233 20.19 -21.68 -0.43
C GLY C 233 19.61 -21.16 0.87
N THR C 234 19.22 -19.88 0.89
CA THR C 234 18.75 -19.25 2.13
C THR C 234 17.27 -19.50 2.40
N ALA C 235 16.56 -20.17 1.49
CA ALA C 235 15.14 -20.41 1.70
C ALA C 235 14.94 -21.30 2.91
N LEU C 236 13.98 -20.93 3.76
CA LEU C 236 13.75 -21.62 5.03
C LEU C 236 12.33 -22.15 5.11
N PRO C 237 12.14 -23.31 5.74
CA PRO C 237 10.79 -23.78 6.01
C PRO C 237 10.06 -22.82 6.93
N PRO C 238 8.73 -22.73 6.81
CA PRO C 238 7.82 -23.43 5.91
C PRO C 238 7.57 -22.72 4.58
N PHE C 239 8.47 -21.80 4.20
CA PHE C 239 8.32 -21.07 2.95
C PHE C 239 9.52 -21.35 2.04
N ASP C 240 9.78 -22.64 1.82
CA ASP C 240 10.93 -23.09 1.06
C ASP C 240 10.52 -23.95 -0.14
N LYS C 241 9.28 -23.82 -0.60
CA LYS C 241 8.80 -24.50 -1.80
C LYS C 241 8.46 -23.53 -2.92
N GLY C 242 8.83 -22.26 -2.78
CA GLY C 242 8.67 -21.31 -3.85
C GLY C 242 7.28 -20.72 -4.01
N ARG C 243 6.39 -20.92 -3.03
CA ARG C 243 5.00 -20.53 -3.25
C ARG C 243 4.71 -19.07 -2.91
N THR C 244 5.57 -18.38 -2.16
CA THR C 244 5.35 -16.93 -1.99
C THR C 244 5.35 -16.22 -3.33
N ALA C 245 6.29 -16.57 -4.22
CA ALA C 245 6.32 -15.93 -5.53
C ALA C 245 5.12 -16.35 -6.38
N THR C 246 4.70 -17.61 -6.28
CA THR C 246 3.49 -18.03 -6.99
C THR C 246 2.31 -17.20 -6.54
N HIS C 247 2.18 -17.01 -5.23
CA HIS C 247 1.11 -16.20 -4.66
C HIS C 247 1.18 -14.75 -5.14
N GLU C 248 2.36 -14.13 -5.02
CA GLU C 248 2.49 -12.72 -5.43
C GLU C 248 2.28 -12.54 -6.92
N ILE C 249 2.79 -13.48 -7.73
CA ILE C 249 2.55 -13.37 -9.16
C ILE C 249 1.07 -13.55 -9.46
N GLY C 250 0.36 -14.30 -8.61
CA GLY C 250 -1.09 -14.32 -8.71
C GLY C 250 -1.70 -12.93 -8.63
N HIS C 251 -1.24 -12.13 -7.67
CA HIS C 251 -1.69 -10.74 -7.59
C HIS C 251 -1.28 -9.95 -8.83
N TRP C 252 -0.05 -10.14 -9.27
CA TRP C 252 0.44 -9.48 -10.47
C TRP C 252 -0.47 -9.76 -11.66
N LEU C 253 -1.12 -10.93 -11.69
CA LEU C 253 -2.03 -11.32 -12.75
C LEU C 253 -3.50 -11.05 -12.39
N ASN C 254 -3.73 -10.22 -11.38
CA ASN C 254 -5.03 -9.68 -10.99
C ASN C 254 -5.88 -10.63 -10.14
N LEU C 255 -5.25 -11.50 -9.36
CA LEU C 255 -5.98 -12.36 -8.44
C LEU C 255 -6.00 -11.75 -7.05
N TYR C 256 -7.14 -11.81 -6.38
CA TYR C 256 -7.30 -11.31 -5.03
C TYR C 256 -7.23 -12.44 -4.01
N HIS C 257 -6.85 -12.08 -2.78
CA HIS C 257 -6.96 -13.01 -1.67
C HIS C 257 -8.31 -13.70 -1.63
N ILE C 258 -8.29 -15.01 -1.44
CA ILE C 258 -9.50 -15.81 -1.53
C ILE C 258 -10.52 -15.42 -0.45
N TRP C 259 -10.07 -14.88 0.69
CA TRP C 259 -11.00 -14.54 1.77
C TRP C 259 -11.61 -13.15 1.64
N GLY C 260 -11.15 -12.30 0.71
CA GLY C 260 -11.85 -11.07 0.41
C GLY C 260 -11.34 -9.81 1.08
N ASP C 261 -10.35 -9.91 1.97
CA ASP C 261 -9.65 -8.75 2.52
C ASP C 261 -10.56 -7.81 3.30
N GLU C 262 -11.46 -8.36 4.14
CA GLU C 262 -12.26 -7.49 4.99
C GLU C 262 -11.36 -6.71 5.95
N LEU C 263 -11.81 -5.49 6.28
CA LEU C 263 -11.20 -4.72 7.36
C LEU C 263 -11.74 -5.22 8.71
N ARG C 264 -11.01 -4.89 9.78
CA ARG C 264 -11.29 -5.52 11.06
C ARG C 264 -12.73 -5.31 11.50
N PHE C 265 -13.33 -4.19 11.11
CA PHE C 265 -14.67 -3.84 11.55
C PHE C 265 -15.76 -4.35 10.62
N GLU C 266 -15.40 -5.03 9.54
CA GLU C 266 -16.39 -5.52 8.59
C GLU C 266 -16.79 -6.94 8.95
N ASP C 267 -17.97 -7.32 8.46
CA ASP C 267 -18.43 -8.71 8.55
C ASP C 267 -17.43 -9.59 7.80
N PRO C 268 -16.87 -10.62 8.44
CA PRO C 268 -15.85 -11.45 7.77
C PRO C 268 -16.37 -12.24 6.57
N CYS C 269 -17.68 -12.28 6.34
CA CYS C 269 -18.23 -13.01 5.20
C CYS C 269 -18.71 -12.08 4.10
N SER C 270 -18.44 -10.78 4.19
CA SER C 270 -19.11 -9.80 3.35
C SER C 270 -18.40 -9.54 2.03
N ARG C 271 -17.08 -9.69 1.96
CA ARG C 271 -16.36 -9.31 0.75
C ARG C 271 -16.04 -10.53 -0.10
N SER C 272 -15.74 -10.27 -1.38
CA SER C 272 -15.59 -11.30 -2.39
C SER C 272 -14.25 -11.16 -3.10
N ASP C 273 -13.69 -12.29 -3.53
CA ASP C 273 -12.54 -12.29 -4.41
C ASP C 273 -12.94 -12.28 -5.89
N GLU C 274 -14.24 -12.11 -6.18
CA GLU C 274 -14.78 -12.00 -7.54
C GLU C 274 -14.58 -13.28 -8.34
N VAL C 275 -14.48 -14.42 -7.66
CA VAL C 275 -14.32 -15.72 -8.29
C VAL C 275 -15.37 -16.66 -7.70
N ASP C 276 -16.27 -17.15 -8.57
CA ASP C 276 -17.41 -17.94 -8.09
C ASP C 276 -16.97 -19.30 -7.55
N ASP C 277 -15.99 -19.93 -8.19
CA ASP C 277 -15.62 -21.28 -7.82
C ASP C 277 -14.63 -21.33 -6.66
N THR C 278 -14.30 -20.18 -6.07
CA THR C 278 -13.62 -20.19 -4.78
C THR C 278 -14.65 -19.95 -3.70
N PRO C 279 -14.85 -20.89 -2.77
CA PRO C 279 -15.90 -20.73 -1.76
C PRO C 279 -15.71 -19.46 -0.93
N ASN C 280 -16.83 -18.81 -0.63
CA ASN C 280 -16.81 -17.67 0.28
C ASN C 280 -16.14 -18.08 1.58
N GLN C 281 -15.23 -17.26 2.06
CA GLN C 281 -14.32 -17.63 3.12
C GLN C 281 -14.18 -16.46 4.08
N ALA C 282 -14.14 -16.76 5.37
CA ALA C 282 -14.08 -15.71 6.38
C ALA C 282 -12.73 -15.00 6.34
N ASP C 283 -11.69 -15.67 6.84
CA ASP C 283 -10.40 -15.06 7.09
C ASP C 283 -9.31 -15.80 6.33
N PRO C 284 -8.10 -15.26 6.27
CA PRO C 284 -6.97 -16.06 5.78
C PRO C 284 -6.73 -17.27 6.66
N ASN C 285 -6.23 -18.33 6.06
CA ASN C 285 -5.72 -19.49 6.79
C ASN C 285 -4.20 -19.47 6.79
N PHE C 286 -3.60 -19.81 7.93
CA PHE C 286 -2.16 -19.90 8.08
C PHE C 286 -1.76 -21.33 8.44
N GLY C 287 -0.46 -21.61 8.31
CA GLY C 287 0.03 -22.91 8.74
C GLY C 287 -0.40 -24.02 7.80
N ALA C 288 -0.85 -25.13 8.39
CA ALA C 288 -1.26 -26.32 7.64
C ALA C 288 -2.63 -26.75 8.14
N PRO C 289 -3.70 -26.20 7.57
CA PRO C 289 -5.05 -26.54 8.05
C PRO C 289 -5.46 -27.96 7.70
N SER C 290 -6.41 -28.46 8.48
CA SER C 290 -7.03 -29.77 8.25
C SER C 290 -8.27 -29.60 7.39
N TYR C 291 -8.41 -30.45 6.37
CA TYR C 291 -9.65 -30.44 5.58
C TYR C 291 -10.72 -31.26 6.29
N PRO C 292 -11.97 -30.76 6.39
CA PRO C 292 -12.44 -29.45 5.95
C PRO C 292 -12.32 -28.36 7.01
N HIS C 293 -12.15 -27.12 6.55
CA HIS C 293 -12.09 -25.94 7.42
C HIS C 293 -13.24 -25.03 6.99
N VAL C 294 -14.38 -25.15 7.66
CA VAL C 294 -15.59 -24.47 7.22
C VAL C 294 -15.61 -23.05 7.77
N SER C 295 -16.11 -22.12 6.95
CA SER C 295 -16.37 -20.76 7.40
C SER C 295 -17.47 -20.16 6.53
N CYS C 296 -18.12 -19.11 7.04
CA CYS C 296 -19.11 -18.37 6.25
C CYS C 296 -20.17 -19.30 5.65
N SER C 297 -20.54 -20.33 6.40
CA SER C 297 -21.61 -21.25 5.98
C SER C 297 -21.25 -22.00 4.71
N ASN C 298 -19.95 -22.22 4.43
CA ASN C 298 -19.56 -22.85 3.19
C ASN C 298 -19.36 -24.37 3.32
N GLY C 299 -19.93 -24.99 4.35
CA GLY C 299 -19.82 -26.41 4.54
C GLY C 299 -20.65 -27.18 3.52
N PRO C 300 -20.39 -28.49 3.41
CA PRO C 300 -19.43 -29.23 4.24
C PRO C 300 -17.98 -29.22 3.75
N ASN C 301 -17.75 -28.76 2.52
CA ASN C 301 -16.39 -28.87 1.98
C ASN C 301 -15.43 -27.84 2.60
N GLY C 302 -15.92 -26.66 2.97
CA GLY C 302 -15.10 -25.65 3.64
C GLY C 302 -14.26 -24.76 2.75
N ASP C 303 -13.31 -24.07 3.41
CA ASP C 303 -12.41 -23.15 2.73
C ASP C 303 -11.53 -23.89 1.76
N MET C 304 -11.26 -23.27 0.61
CA MET C 304 -10.30 -23.79 -0.33
C MET C 304 -8.89 -23.28 0.04
N PHE C 305 -8.45 -23.69 1.23
CA PHE C 305 -7.23 -23.16 1.82
C PHE C 305 -5.96 -23.64 1.12
N MET C 306 -6.07 -24.64 0.26
CA MET C 306 -4.93 -25.08 -0.53
C MET C 306 -4.79 -24.31 -1.84
N ASN C 307 -5.59 -23.27 -2.01
CA ASN C 307 -5.43 -22.33 -3.12
C ASN C 307 -4.21 -21.44 -2.88
N TYR C 308 -3.49 -21.10 -3.96
CA TYR C 308 -2.31 -20.26 -3.79
C TYR C 308 -2.63 -18.89 -3.21
N MET C 309 -3.87 -18.42 -3.32
CA MET C 309 -4.18 -17.07 -2.85
C MET C 309 -4.70 -17.06 -1.41
N ASP C 310 -4.54 -18.16 -0.68
CA ASP C 310 -4.66 -18.12 0.77
C ASP C 310 -3.28 -17.76 1.34
N TYR C 311 -3.09 -17.95 2.64
CA TYR C 311 -1.87 -17.58 3.34
C TYR C 311 -1.18 -18.78 3.99
N VAL C 312 -1.52 -19.99 3.56
CA VAL C 312 -1.04 -21.21 4.22
C VAL C 312 0.43 -21.44 3.89
N ASP C 313 1.05 -22.36 4.62
CA ASP C 313 2.43 -22.74 4.37
C ASP C 313 2.60 -23.24 2.94
N ASP C 314 3.83 -23.11 2.42
CA ASP C 314 4.13 -23.46 1.04
C ASP C 314 3.67 -24.86 0.66
N LYS C 315 3.90 -25.84 1.54
CA LYS C 315 3.57 -27.20 1.17
C LYS C 315 2.07 -27.46 1.11
N CYS C 316 1.26 -26.52 1.59
CA CYS C 316 -0.19 -26.71 1.64
C CYS C 316 -0.94 -26.01 0.52
N MET C 317 -0.34 -25.07 -0.21
CA MET C 317 -1.00 -24.41 -1.33
C MET C 317 -0.45 -24.97 -2.63
N VAL C 318 -1.34 -25.49 -3.48
CA VAL C 318 -0.94 -26.33 -4.61
C VAL C 318 -1.79 -26.10 -5.86
N MET C 319 -2.67 -25.08 -5.86
CA MET C 319 -3.58 -25.00 -7.00
C MET C 319 -4.13 -23.59 -7.19
N PHE C 320 -4.44 -23.31 -8.45
CA PHE C 320 -5.34 -22.25 -8.88
C PHE C 320 -6.62 -22.89 -9.39
N THR C 321 -7.73 -22.14 -9.35
CA THR C 321 -8.99 -22.62 -9.91
C THR C 321 -9.18 -22.12 -11.34
N GLN C 322 -10.12 -22.76 -12.04
CA GLN C 322 -10.47 -22.30 -13.38
C GLN C 322 -11.10 -20.91 -13.35
N GLY C 323 -11.86 -20.61 -12.29
CA GLY C 323 -12.41 -19.27 -12.14
C GLY C 323 -11.33 -18.23 -11.99
N GLN C 324 -10.24 -18.57 -11.30
CA GLN C 324 -9.12 -17.65 -11.24
C GLN C 324 -8.45 -17.53 -12.60
N ALA C 325 -8.35 -18.65 -13.32
CA ALA C 325 -7.74 -18.60 -14.65
C ALA C 325 -8.48 -17.65 -15.58
N THR C 326 -9.81 -17.55 -15.43
CA THR C 326 -10.59 -16.59 -16.21
C THR C 326 -10.07 -15.18 -15.99
N ARG C 327 -9.86 -14.80 -14.73
CA ARG C 327 -9.35 -13.47 -14.43
C ARG C 327 -7.94 -13.26 -14.97
N VAL C 328 -7.09 -14.27 -14.85
CA VAL C 328 -5.73 -14.20 -15.39
C VAL C 328 -5.77 -13.99 -16.90
N ASN C 329 -6.68 -14.71 -17.58
CA ASN C 329 -6.82 -14.56 -19.02
C ASN C 329 -7.28 -13.16 -19.39
N ALA C 330 -8.20 -12.59 -18.59
CA ALA C 330 -8.63 -11.22 -18.85
C ALA C 330 -7.46 -10.26 -18.66
N CYS C 331 -6.64 -10.49 -17.64
CA CYS C 331 -5.45 -9.67 -17.43
C CYS C 331 -4.50 -9.79 -18.62
N LEU C 332 -4.21 -11.02 -19.06
CA LEU C 332 -3.32 -11.22 -20.21
C LEU C 332 -3.90 -10.62 -21.48
N ASP C 333 -5.23 -10.63 -21.63
CA ASP C 333 -5.86 -10.10 -22.83
C ASP C 333 -5.98 -8.58 -22.81
N GLY C 334 -5.95 -7.97 -21.62
CA GLY C 334 -6.17 -6.55 -21.50
C GLY C 334 -4.92 -5.81 -21.10
N PRO C 335 -4.77 -5.54 -19.81
CA PRO C 335 -3.68 -4.66 -19.36
C PRO C 335 -2.29 -5.22 -19.58
N ARG C 336 -2.12 -6.54 -19.64
CA ARG C 336 -0.79 -7.10 -19.86
C ARG C 336 -0.69 -7.77 -21.24
N SER C 337 -1.49 -7.32 -22.20
CA SER C 337 -1.46 -7.90 -23.54
C SER C 337 -0.11 -7.77 -24.21
N SER C 338 0.74 -6.86 -23.73
CA SER C 338 2.06 -6.67 -24.32
C SER C 338 2.93 -7.92 -24.17
N PHE C 339 2.60 -8.81 -23.23
CA PHE C 339 3.34 -10.05 -23.05
C PHE C 339 2.87 -11.15 -24.00
N LEU C 340 1.76 -10.94 -24.70
CA LEU C 340 1.33 -11.93 -25.68
C LEU C 340 2.26 -11.94 -26.88
N ALA C 341 2.40 -13.11 -27.48
CA ALA C 341 3.19 -13.25 -28.69
C ALA C 341 2.49 -12.54 -29.85
N GLY D 1 -4.11 -6.31 0.82
CA GLY D 1 -4.54 -6.92 -0.43
C GLY D 1 -3.40 -7.27 -1.36
N SER D 2 -2.32 -6.48 -1.33
CA SER D 2 -1.16 -6.65 -2.22
C SER D 2 -0.08 -7.56 -1.63
N SER D 3 -0.13 -7.85 -0.33
CA SER D 3 0.83 -8.77 0.25
C SER D 3 0.32 -10.18 -0.01
#